data_6F0O
#
_entry.id   6F0O
#
_cell.length_a   39.757
_cell.length_b   96.474
_cell.length_c   110.979
_cell.angle_alpha   90.00
_cell.angle_beta   90.00
_cell.angle_gamma   90.00
#
_symmetry.space_group_name_H-M   'P 21 21 21'
#
loop_
_entity.id
_entity.type
_entity.pdbx_description
1 polymer 'Bontoxilysin A'
2 non-polymer 'PROPANOIC ACID'
3 non-polymer 'PENTAETHYLENE GLYCOL'
4 non-polymer 1,2-ETHANEDIOL
5 water water
#
_entity_poly.entity_id   1
_entity_poly.type   'polypeptide(L)'
_entity_poly.pdbx_seq_one_letter_code
;MHHHHHHKNIVNTSILSIVYKKDDLIDLSRYGAKINIGDRVYYDSIDKNQIKLINLESSTIEVILKNAIVYNSMYENFST
SFWIKIPKYFSKINLNNEYTIINCIENNSGWKVSLNYGEIIWTLQDNKQNIQRVVFKYSQMVNISDYINRWMFVTITNNR
LTKSKIYINGRLIDQKPISNLGNIHASNKIMFKLDGCRDPRRYIMIKYFNLFDKELNEKEIKDLYDSQSNPGILKDFWGN
YLQYDKPYYMLNLFDPNKYVDVNNIGIRGYMYLKGPRGSVMTTNIYLNSTLYMGTKFIIKKYASGNEDNIVRNNDRVYIN
VVVKNKEYRLATNASQAGVEKILSALEIPDVGNLSQVVVMKSKDDQGIRNKCKMNLQDNNGNDIGFVGFHLYDNIAKLVA
SNWYNRQVGKASRTFGCSWEFIPVDDGWGESSL
;
_entity_poly.pdbx_strand_id   A
#
# COMPACT_ATOMS: atom_id res chain seq x y z
N THR A 13 -22.82 -3.89 10.05
CA THR A 13 -23.36 -5.21 9.53
C THR A 13 -22.34 -6.38 9.64
N SER A 14 -20.46 -5.54 10.22
CA SER A 14 -19.50 -6.64 10.23
C SER A 14 -19.97 -7.78 11.16
N ILE A 15 -19.90 -9.01 10.67
CA ILE A 15 -20.06 -10.20 11.50
C ILE A 15 -18.74 -10.91 11.91
N LEU A 16 -17.62 -10.37 11.44
CA LEU A 16 -16.29 -10.82 11.84
C LEU A 16 -15.39 -9.65 11.50
N SER A 17 -14.60 -9.22 12.47
CA SER A 17 -13.70 -8.08 12.28
C SER A 17 -12.42 -8.35 13.09
N ILE A 18 -11.34 -8.76 12.43
CA ILE A 18 -10.19 -9.28 13.13
C ILE A 18 -9.23 -8.12 13.31
N VAL A 19 -8.75 -7.94 14.53
CA VAL A 19 -7.73 -6.93 14.82
C VAL A 19 -6.73 -7.48 15.79
N TYR A 20 -5.61 -6.80 15.85
CA TYR A 20 -4.56 -7.10 16.79
C TYR A 20 -4.89 -6.50 18.15
N LYS A 21 -4.62 -7.28 19.19
CA LYS A 21 -4.68 -6.83 20.60
C LYS A 21 -3.71 -7.69 21.41
N LYS A 22 -2.77 -7.03 22.10
CA LYS A 22 -1.81 -7.73 22.98
C LYS A 22 -1.13 -8.97 22.41
N ASP A 23 -0.46 -8.81 21.26
CA ASP A 23 0.30 -9.89 20.61
C ASP A 23 -0.61 -11.11 20.35
N ASP A 24 -1.87 -10.80 20.05
CA ASP A 24 -2.94 -11.77 19.77
C ASP A 24 -3.88 -11.11 18.75
N LEU A 25 -4.76 -11.88 18.18
CA LEU A 25 -5.76 -11.36 17.26
C LEU A 25 -7.08 -11.70 17.87
N ILE A 26 -8.00 -10.74 17.85
CA ILE A 26 -9.35 -10.89 18.39
C ILE A 26 -10.41 -10.45 17.37
N ASP A 27 -11.62 -10.93 17.55
CA ASP A 27 -12.75 -10.54 16.79
C ASP A 27 -13.46 -9.41 17.52
N LEU A 28 -13.63 -8.26 16.89
CA LEU A 28 -14.34 -7.15 17.50
C LEU A 28 -15.82 -7.28 17.34
N SER A 29 -16.32 -8.16 16.49
CA SER A 29 -17.75 -8.25 16.32
C SER A 29 -18.43 -8.74 17.62
N ARG A 30 -19.73 -8.62 17.63
CA ARG A 30 -20.54 -9.15 18.74
C ARG A 30 -20.54 -10.69 18.81
N TYR A 31 -20.10 -11.34 17.74
CA TYR A 31 -20.07 -12.79 17.71
C TYR A 31 -18.82 -13.51 18.27
N GLY A 32 -17.74 -12.80 18.60
CA GLY A 32 -16.60 -13.39 19.32
C GLY A 32 -16.10 -14.70 18.75
N ALA A 33 -15.73 -14.68 17.48
CA ALA A 33 -15.16 -15.87 16.89
C ALA A 33 -13.94 -16.30 17.65
N LYS A 34 -13.72 -17.60 17.71
CA LYS A 34 -12.46 -18.15 18.20
C LYS A 34 -11.39 -18.02 17.13
N ILE A 35 -10.24 -17.50 17.55
CA ILE A 35 -9.09 -17.38 16.66
C ILE A 35 -7.89 -18.19 17.20
N ASN A 36 -7.49 -19.24 16.49
CA ASN A 36 -6.32 -20.04 16.84
C ASN A 36 -5.17 -19.71 15.89
N ILE A 37 -4.12 -19.10 16.45
CA ILE A 37 -3.00 -18.64 15.71
C ILE A 37 -1.89 -19.67 15.77
N GLY A 38 -1.37 -20.07 14.61
CA GLY A 38 -0.22 -20.95 14.56
C GLY A 38 1.09 -20.35 15.08
N ASP A 39 2.12 -21.19 15.14
CA ASP A 39 3.47 -20.78 15.63
C ASP A 39 4.23 -19.86 14.69
N ARG A 40 3.88 -19.83 13.41
CA ARG A 40 4.70 -19.13 12.46
C ARG A 40 3.93 -17.97 11.85
N VAL A 41 3.28 -17.19 12.71
CA VAL A 41 2.53 -16.00 12.32
C VAL A 41 3.18 -14.83 13.00
N TYR A 42 3.44 -13.77 12.24
CA TYR A 42 4.25 -12.65 12.72
C TYR A 42 3.52 -11.34 12.51
N TYR A 43 3.88 -10.33 13.29
CA TYR A 43 3.22 -9.06 13.24
C TYR A 43 4.28 -8.02 12.96
N ASP A 44 3.97 -7.05 12.11
CA ASP A 44 4.96 -6.03 11.77
C ASP A 44 5.31 -5.16 13.00
N SER A 45 6.53 -4.64 13.02
CA SER A 45 6.99 -3.84 14.18
C SER A 45 6.43 -2.43 14.33
N ILE A 46 5.94 -1.84 13.25
CA ILE A 46 5.42 -0.46 13.26
C ILE A 46 3.92 -0.53 13.36
N ASP A 47 3.28 -1.50 12.68
CA ASP A 47 1.86 -1.58 12.64
C ASP A 47 1.53 -3.02 12.85
N LYS A 48 1.10 -3.29 14.08
CA LYS A 48 0.90 -4.62 14.50
C LYS A 48 -0.28 -5.30 13.83
N ASN A 49 -1.17 -4.51 13.23
CA ASN A 49 -2.28 -5.07 12.47
C ASN A 49 -1.81 -5.70 11.14
N GLN A 50 -0.56 -5.48 10.74
CA GLN A 50 -0.01 -6.14 9.56
C GLN A 50 0.51 -7.51 9.95
N ILE A 51 -0.20 -8.54 9.46
CA ILE A 51 0.03 -9.91 9.83
C ILE A 51 0.77 -10.62 8.68
N LYS A 52 1.91 -11.25 8.98
CA LYS A 52 2.66 -11.98 7.97
C LYS A 52 2.38 -13.47 8.03
N LEU A 53 1.93 -14.05 6.91
CA LEU A 53 1.81 -15.49 6.71
C LEU A 53 2.86 -15.96 5.73
N ILE A 54 3.60 -17.01 6.09
CA ILE A 54 4.70 -17.51 5.25
C ILE A 54 4.32 -18.91 4.79
N ASN A 55 5.09 -19.45 3.85
CA ASN A 55 4.80 -20.81 3.31
C ASN A 55 5.47 -21.90 4.16
N LEU A 56 5.04 -21.99 5.40
CA LEU A 56 5.45 -23.02 6.36
C LEU A 56 4.23 -23.54 7.08
N GLU A 57 4.29 -24.81 7.44
CA GLU A 57 3.13 -25.47 7.98
C GLU A 57 2.33 -24.74 9.05
N SER A 58 2.99 -24.18 10.03
CA SER A 58 2.24 -23.68 11.16
C SER A 58 2.00 -22.16 11.02
N SER A 59 2.12 -21.64 9.82
CA SER A 59 1.79 -20.23 9.57
C SER A 59 0.30 -20.15 9.21
N THR A 60 -0.53 -20.19 10.25
CA THR A 60 -1.97 -20.37 10.12
C THR A 60 -2.75 -19.47 11.01
N ILE A 61 -3.90 -19.04 10.53
CA ILE A 61 -4.91 -18.45 11.40
C ILE A 61 -6.16 -19.23 11.11
N GLU A 62 -6.73 -19.89 12.14
CA GLU A 62 -7.95 -20.63 11.97
C GLU A 62 -8.98 -19.87 12.79
N VAL A 63 -10.01 -19.37 12.10
CA VAL A 63 -11.12 -18.73 12.70
C VAL A 63 -12.26 -19.72 12.78
N ILE A 64 -12.80 -19.93 13.99
CA ILE A 64 -13.96 -20.79 14.14
C ILE A 64 -15.12 -19.86 14.44
N LEU A 65 -16.00 -19.73 13.47
CA LEU A 65 -17.21 -18.95 13.58
C LEU A 65 -18.26 -19.71 14.41
N LYS A 66 -19.08 -18.97 15.14
CA LYS A 66 -20.18 -19.63 15.86
C LYS A 66 -21.11 -20.19 14.85
N ASN A 67 -21.68 -21.34 15.18
CA ASN A 67 -22.65 -21.98 14.26
C ASN A 67 -23.71 -21.02 13.74
N ALA A 68 -24.16 -20.08 14.57
CA ALA A 68 -25.24 -19.12 14.18
C ALA A 68 -25.04 -18.24 12.94
N ILE A 69 -23.80 -17.88 12.66
CA ILE A 69 -23.51 -16.96 11.59
C ILE A 69 -22.84 -17.68 10.42
N VAL A 70 -22.80 -19.02 10.47
CA VAL A 70 -22.30 -19.79 9.35
C VAL A 70 -23.22 -19.53 8.15
N TYR A 71 -22.62 -19.29 7.01
CA TYR A 71 -23.36 -19.04 5.76
C TYR A 71 -23.96 -20.34 5.19
N ASN A 72 -25.28 -20.41 5.03
CA ASN A 72 -25.94 -21.58 4.46
C ASN A 72 -27.27 -21.08 3.88
N SER A 73 -27.22 -20.70 2.62
CA SER A 73 -28.33 -19.98 2.00
C SER A 73 -28.26 -20.03 0.49
N MET A 74 -29.43 -19.85 -0.15
CA MET A 74 -29.52 -19.59 -1.56
C MET A 74 -29.61 -18.11 -1.91
N TYR A 75 -29.98 -17.26 -0.92
CA TYR A 75 -30.31 -15.89 -1.21
C TYR A 75 -29.68 -14.82 -0.34
N GLU A 76 -29.01 -15.17 0.74
CA GLU A 76 -28.46 -14.15 1.66
C GLU A 76 -27.26 -13.52 0.97
N ASN A 77 -27.14 -12.21 1.06
CA ASN A 77 -25.99 -11.54 0.48
C ASN A 77 -24.88 -11.41 1.50
N PHE A 78 -23.64 -11.27 1.00
CA PHE A 78 -22.51 -11.13 1.93
C PHE A 78 -21.33 -10.56 1.20
N SER A 79 -20.43 -9.96 1.98
CA SER A 79 -19.20 -9.38 1.44
C SER A 79 -18.06 -9.69 2.35
N THR A 80 -16.85 -9.55 1.80
CA THR A 80 -15.63 -9.61 2.61
C THR A 80 -14.72 -8.48 2.22
N SER A 81 -13.95 -8.00 3.16
CA SER A 81 -12.87 -7.03 2.89
C SER A 81 -11.65 -7.36 3.66
N PHE A 82 -10.50 -6.96 3.09
CA PHE A 82 -9.22 -7.12 3.77
C PHE A 82 -8.21 -6.32 2.98
N TRP A 83 -7.12 -6.00 3.62
CA TRP A 83 -5.95 -5.45 2.94
C TRP A 83 -4.91 -6.51 2.72
N ILE A 84 -4.17 -6.52 1.58
CA ILE A 84 -3.16 -7.51 1.38
C ILE A 84 -1.94 -6.86 0.71
N LYS A 85 -0.76 -7.37 1.01
CA LYS A 85 0.46 -6.93 0.38
C LYS A 85 1.15 -8.19 -0.08
N ILE A 86 1.44 -8.26 -1.37
CA ILE A 86 1.86 -9.48 -2.05
C ILE A 86 3.22 -9.13 -2.66
N PRO A 87 4.31 -9.70 -2.14
CA PRO A 87 5.64 -9.42 -2.70
C PRO A 87 5.77 -9.81 -4.14
N LYS A 88 6.72 -9.19 -4.80
CA LYS A 88 6.98 -9.49 -6.23
C LYS A 88 7.26 -10.98 -6.41
N TYR A 89 6.68 -11.56 -7.45
CA TYR A 89 7.01 -12.91 -7.86
C TYR A 89 8.32 -12.89 -8.66
N PHE A 90 9.31 -13.68 -8.21
CA PHE A 90 10.68 -13.59 -8.73
C PHE A 90 11.10 -14.81 -9.52
N SER A 91 10.32 -15.86 -9.54
CA SER A 91 10.85 -17.16 -9.94
C SER A 91 9.90 -17.94 -10.80
N LYS A 92 10.48 -18.81 -11.63
CA LYS A 92 9.70 -19.66 -12.53
C LYS A 92 8.70 -20.50 -11.80
N ILE A 93 9.06 -20.91 -10.58
CA ILE A 93 8.23 -21.77 -9.77
C ILE A 93 6.89 -21.08 -9.39
N ASN A 94 6.83 -19.74 -9.56
CA ASN A 94 5.60 -19.01 -9.28
C ASN A 94 4.58 -19.00 -10.37
N LEU A 95 5.01 -19.28 -11.60
CA LEU A 95 4.09 -19.27 -12.71
C LEU A 95 3.17 -20.46 -12.63
N ASN A 96 1.93 -20.23 -13.03
CA ASN A 96 0.94 -21.28 -13.11
C ASN A 96 0.82 -22.12 -11.82
N ASN A 97 0.72 -21.42 -10.69
CA ASN A 97 0.52 -22.05 -9.44
C ASN A 97 -0.55 -21.27 -8.61
N GLU A 98 -1.82 -21.64 -8.76
CA GLU A 98 -2.88 -21.03 -7.97
C GLU A 98 -2.82 -21.65 -6.55
N TYR A 99 -2.71 -20.81 -5.52
CA TYR A 99 -2.68 -21.27 -4.17
C TYR A 99 -3.73 -20.59 -3.31
N THR A 100 -4.47 -21.35 -2.52
CA THR A 100 -5.45 -20.77 -1.64
C THR A 100 -4.73 -20.01 -0.53
N ILE A 101 -5.26 -18.86 -0.17
CA ILE A 101 -4.82 -18.18 1.05
C ILE A 101 -5.92 -18.03 2.14
N ILE A 102 -7.21 -17.96 1.79
CA ILE A 102 -8.29 -17.86 2.76
C ILE A 102 -9.37 -18.87 2.34
N ASN A 103 -9.54 -19.94 3.14
CA ASN A 103 -10.46 -21.01 2.77
C ASN A 103 -11.68 -21.06 3.67
N CYS A 104 -12.86 -21.08 3.05
CA CYS A 104 -14.15 -21.25 3.77
C CYS A 104 -15.04 -22.23 3.01
N ILE A 105 -14.42 -23.35 2.66
CA ILE A 105 -15.11 -24.41 1.87
C ILE A 105 -15.26 -25.64 2.75
N GLU A 106 -16.46 -26.22 2.78
CA GLU A 106 -16.76 -27.50 3.44
C GLU A 106 -17.30 -28.44 2.40
N ASN A 107 -16.59 -29.57 2.23
CA ASN A 107 -16.74 -30.46 1.06
C ASN A 107 -16.57 -29.71 -0.25
N ASN A 108 -17.64 -29.44 -0.96
CA ASN A 108 -17.54 -28.85 -2.22
C ASN A 108 -18.25 -27.50 -2.30
N SER A 109 -18.65 -26.94 -1.17
CA SER A 109 -19.38 -25.66 -1.21
C SER A 109 -18.73 -24.64 -0.24
N GLY A 110 -18.90 -23.39 -0.61
CA GLY A 110 -18.43 -22.30 0.20
C GLY A 110 -17.68 -21.32 -0.68
N TRP A 111 -16.74 -20.60 -0.03
CA TRP A 111 -16.00 -19.58 -0.72
C TRP A 111 -14.53 -19.67 -0.38
N LYS A 112 -13.68 -19.16 -1.26
CA LYS A 112 -12.26 -19.05 -0.93
C LYS A 112 -11.62 -17.89 -1.72
N VAL A 113 -10.52 -17.39 -1.13
CA VAL A 113 -9.66 -16.45 -1.80
C VAL A 113 -8.36 -17.17 -2.11
N SER A 114 -7.91 -17.07 -3.34
CA SER A 114 -6.64 -17.66 -3.79
C SER A 114 -5.79 -16.62 -4.46
N LEU A 115 -4.50 -16.94 -4.60
CA LEU A 115 -3.60 -16.10 -5.35
C LEU A 115 -2.93 -16.92 -6.46
N ASN A 116 -2.38 -16.23 -7.45
CA ASN A 116 -1.53 -16.84 -8.46
C ASN A 116 -0.58 -15.76 -8.92
N TYR A 117 0.36 -16.09 -9.81
CA TYR A 117 1.20 -15.09 -10.40
C TYR A 117 0.33 -13.97 -11.02
N GLY A 118 0.54 -12.75 -10.57
CA GLY A 118 -0.33 -11.64 -10.96
C GLY A 118 -1.82 -11.70 -10.78
N GLU A 119 -2.29 -12.46 -9.79
CA GLU A 119 -3.74 -12.61 -9.63
C GLU A 119 -4.20 -12.69 -8.19
N ILE A 120 -5.41 -12.18 -7.97
CA ILE A 120 -6.21 -12.45 -6.80
C ILE A 120 -7.50 -13.07 -7.32
N ILE A 121 -7.91 -14.21 -6.78
CA ILE A 121 -9.08 -14.97 -7.28
C ILE A 121 -10.08 -15.18 -6.13
N TRP A 122 -11.36 -14.93 -6.40
CA TRP A 122 -12.45 -15.28 -5.50
C TRP A 122 -13.17 -16.43 -6.20
N THR A 123 -13.40 -17.49 -5.42
CA THR A 123 -14.11 -18.71 -5.92
C THR A 123 -15.32 -18.96 -5.01
N LEU A 124 -16.49 -19.10 -5.62
CA LEU A 124 -17.73 -19.35 -4.91
C LEU A 124 -18.30 -20.66 -5.46
N GLN A 125 -18.72 -21.57 -4.58
CA GLN A 125 -19.19 -22.88 -5.04
C GLN A 125 -20.43 -23.28 -4.31
N ASP A 126 -21.42 -23.79 -5.04
CA ASP A 126 -22.66 -24.28 -4.39
C ASP A 126 -22.53 -25.78 -4.11
N ASN A 127 -23.61 -26.38 -3.62
CA ASN A 127 -23.62 -27.83 -3.34
C ASN A 127 -24.09 -28.72 -4.50
N LYS A 128 -24.19 -28.18 -5.72
CA LYS A 128 -24.55 -28.94 -6.96
C LYS A 128 -23.51 -28.78 -8.04
N GLN A 129 -22.25 -28.68 -7.60
CA GLN A 129 -21.10 -28.53 -8.52
C GLN A 129 -21.06 -27.31 -9.43
N ASN A 130 -21.77 -26.24 -9.08
CA ASN A 130 -21.63 -25.02 -9.83
C ASN A 130 -20.60 -24.14 -9.11
N ILE A 131 -19.79 -23.48 -9.91
CA ILE A 131 -18.65 -22.70 -9.44
C ILE A 131 -18.61 -21.40 -10.21
N GLN A 132 -18.22 -20.32 -9.58
CA GLN A 132 -17.91 -19.12 -10.31
C GLN A 132 -16.65 -18.53 -9.73
N ARG A 133 -15.85 -17.94 -10.60
CA ARG A 133 -14.60 -17.27 -10.18
C ARG A 133 -14.62 -15.85 -10.68
N VAL A 134 -14.10 -14.95 -9.85
CA VAL A 134 -13.89 -13.59 -10.22
C VAL A 134 -12.41 -13.28 -9.97
N VAL A 135 -11.78 -12.66 -10.95
CA VAL A 135 -10.31 -12.51 -10.95
C VAL A 135 -9.87 -11.06 -11.09
N PHE A 136 -8.96 -10.65 -10.21
CA PHE A 136 -8.21 -9.39 -10.39
C PHE A 136 -6.84 -9.74 -10.91
N LYS A 137 -6.49 -9.21 -12.07
CA LYS A 137 -5.21 -9.50 -12.71
C LYS A 137 -4.36 -8.23 -12.67
N TYR A 138 -3.10 -8.35 -12.22
CA TYR A 138 -2.15 -7.26 -12.33
C TYR A 138 -0.87 -7.78 -13.00
N SER A 139 -0.28 -6.94 -13.81
CA SER A 139 0.91 -7.32 -14.53
C SER A 139 2.21 -7.03 -13.77
N GLN A 140 3.21 -7.91 -13.95
CA GLN A 140 4.58 -7.61 -13.49
C GLN A 140 5.51 -7.06 -14.55
N MET A 141 4.96 -6.73 -15.72
CA MET A 141 5.79 -6.21 -16.87
C MET A 141 5.63 -4.68 -17.05
N VAL A 142 5.23 -3.98 -16.00
CA VAL A 142 4.90 -2.56 -16.05
C VAL A 142 6.08 -1.82 -15.41
N ASN A 143 6.32 -0.59 -15.87
CA ASN A 143 7.42 0.23 -15.39
C ASN A 143 7.27 0.48 -13.89
N ILE A 144 6.12 1.01 -13.48
CA ILE A 144 5.82 1.29 -12.07
C ILE A 144 4.43 0.75 -11.76
N SER A 145 4.34 -0.17 -10.83
CA SER A 145 3.09 -0.81 -10.55
C SER A 145 2.37 -0.18 -9.38
N ASP A 146 1.05 -0.04 -9.53
CA ASP A 146 0.19 0.31 -8.40
C ASP A 146 0.01 -0.79 -7.37
N TYR A 147 0.42 -2.04 -7.68
CA TYR A 147 -0.01 -3.20 -6.93
C TYR A 147 1.11 -4.12 -6.40
N ILE A 148 2.18 -4.28 -7.17
CA ILE A 148 3.23 -5.23 -6.79
C ILE A 148 3.87 -4.82 -5.48
N ASN A 149 3.72 -5.64 -4.46
CA ASN A 149 4.34 -5.40 -3.15
C ASN A 149 3.81 -4.12 -2.46
N ARG A 150 2.65 -3.62 -2.90
CA ARG A 150 2.02 -2.46 -2.30
C ARG A 150 0.71 -2.87 -1.64
N TRP A 151 0.42 -2.33 -0.48
CA TRP A 151 -0.87 -2.63 0.21
C TRP A 151 -2.05 -2.29 -0.75
N MET A 152 -2.94 -3.28 -0.90
CA MET A 152 -4.14 -3.15 -1.69
C MET A 152 -5.32 -3.38 -0.74
N PHE A 153 -6.39 -2.59 -0.90
CA PHE A 153 -7.65 -2.88 -0.19
C PHE A 153 -8.56 -3.70 -1.12
N VAL A 154 -8.85 -4.93 -0.74
CA VAL A 154 -9.69 -5.81 -1.52
C VAL A 154 -11.10 -5.82 -0.90
N THR A 155 -12.11 -5.77 -1.76
CA THR A 155 -13.49 -5.91 -1.29
C THR A 155 -14.18 -6.82 -2.28
N ILE A 156 -14.81 -7.89 -1.81
CA ILE A 156 -15.59 -8.74 -2.69
C ILE A 156 -17.02 -8.78 -2.18
N THR A 157 -17.97 -8.46 -3.06
CA THR A 157 -19.37 -8.43 -2.67
C THR A 157 -20.11 -9.46 -3.45
N ASN A 158 -21.21 -9.93 -2.89
CA ASN A 158 -21.96 -11.04 -3.52
C ASN A 158 -23.43 -10.78 -3.32
N ASN A 159 -24.14 -10.63 -4.43
CA ASN A 159 -25.59 -10.41 -4.43
C ASN A 159 -26.09 -11.68 -5.15
N ARG A 160 -26.83 -12.54 -4.44
CA ARG A 160 -27.17 -13.84 -5.00
C ARG A 160 -28.08 -13.74 -6.25
N LEU A 161 -28.73 -12.59 -6.44
CA LEU A 161 -29.53 -12.39 -7.63
C LEU A 161 -28.78 -11.88 -8.84
N THR A 162 -27.60 -11.31 -8.63
CA THR A 162 -26.83 -10.69 -9.69
C THR A 162 -25.41 -11.27 -9.79
N LYS A 163 -24.47 -10.55 -9.22
CA LYS A 163 -23.05 -10.77 -9.43
C LYS A 163 -22.22 -10.87 -8.18
N SER A 164 -21.09 -11.57 -8.33
CA SER A 164 -20.00 -11.35 -7.43
C SER A 164 -19.09 -10.30 -8.03
N LYS A 165 -18.61 -9.38 -7.20
CA LYS A 165 -17.81 -8.25 -7.67
C LYS A 165 -16.54 -8.14 -6.88
N ILE A 166 -15.42 -7.87 -7.54
CA ILE A 166 -14.15 -7.58 -6.86
C ILE A 166 -13.72 -6.15 -7.08
N TYR A 167 -13.44 -5.47 -6.00
CA TYR A 167 -12.96 -4.11 -5.97
C TYR A 167 -11.56 -4.11 -5.42
N ILE A 168 -10.72 -3.21 -5.91
CA ILE A 168 -9.37 -3.03 -5.39
C ILE A 168 -9.19 -1.54 -5.16
N ASN A 169 -8.79 -1.16 -3.97
CA ASN A 169 -8.64 0.25 -3.59
C ASN A 169 -9.92 1.04 -3.86
N GLY A 170 -11.06 0.42 -3.57
CA GLY A 170 -12.37 1.06 -3.69
C GLY A 170 -12.98 1.11 -5.08
N ARG A 171 -12.26 0.60 -6.06
CA ARG A 171 -12.62 0.67 -7.46
C ARG A 171 -13.04 -0.69 -7.93
N LEU A 172 -14.19 -0.75 -8.58
CA LEU A 172 -14.69 -2.00 -9.14
C LEU A 172 -13.82 -2.44 -10.27
N ILE A 173 -13.31 -3.68 -10.22
CA ILE A 173 -12.41 -4.21 -11.19
C ILE A 173 -13.04 -5.21 -12.10
N ASP A 174 -13.75 -6.18 -11.57
CA ASP A 174 -14.45 -7.13 -12.43
C ASP A 174 -15.59 -7.76 -11.64
N GLN A 175 -16.44 -8.45 -12.37
CA GLN A 175 -17.67 -8.97 -11.84
C GLN A 175 -18.16 -10.07 -12.72
N LYS A 176 -18.91 -11.00 -12.15
CA LYS A 176 -19.39 -12.17 -12.88
C LYS A 176 -20.72 -12.61 -12.32
N PRO A 177 -21.61 -13.09 -13.18
CA PRO A 177 -22.93 -13.54 -12.73
C PRO A 177 -22.87 -14.75 -11.82
N ILE A 178 -23.74 -14.78 -10.80
CA ILE A 178 -23.77 -15.90 -9.89
C ILE A 178 -25.19 -16.44 -9.71
N SER A 179 -26.15 -16.03 -10.52
CA SER A 179 -27.53 -16.46 -10.25
C SER A 179 -27.75 -17.94 -10.55
N ASN A 180 -26.85 -18.54 -11.33
CA ASN A 180 -26.78 -19.99 -11.56
C ASN A 180 -26.46 -20.82 -10.26
N LEU A 181 -25.83 -20.21 -9.26
CA LEU A 181 -25.47 -20.89 -8.06
C LEU A 181 -26.67 -21.03 -7.10
N GLY A 182 -26.84 -22.22 -6.54
CA GLY A 182 -27.93 -22.55 -5.64
C GLY A 182 -27.53 -22.43 -4.19
N ASN A 183 -27.82 -23.44 -3.37
CA ASN A 183 -27.48 -23.34 -1.97
C ASN A 183 -25.96 -23.33 -1.84
N ILE A 184 -25.44 -22.31 -1.14
CA ILE A 184 -24.06 -22.29 -0.69
C ILE A 184 -24.02 -22.53 0.82
N HIS A 185 -23.30 -23.58 1.26
CA HIS A 185 -23.15 -23.94 2.64
C HIS A 185 -21.66 -23.88 2.88
N ALA A 186 -21.26 -22.74 3.41
CA ALA A 186 -19.84 -22.51 3.70
C ALA A 186 -19.40 -23.19 4.99
N SER A 187 -18.10 -23.19 5.23
CA SER A 187 -17.53 -23.78 6.45
C SER A 187 -17.76 -22.94 7.71
N ASN A 188 -17.75 -23.61 8.86
CA ASN A 188 -17.70 -22.88 10.11
C ASN A 188 -16.29 -22.39 10.42
N LYS A 189 -15.31 -22.80 9.62
CA LYS A 189 -13.91 -22.48 9.84
C LYS A 189 -13.41 -21.67 8.67
N ILE A 190 -12.68 -20.59 8.98
CA ILE A 190 -12.03 -19.80 7.98
C ILE A 190 -10.54 -20.00 8.21
N MET A 191 -9.85 -20.56 7.23
CA MET A 191 -8.46 -20.97 7.42
C MET A 191 -7.62 -20.03 6.53
N PHE A 192 -6.81 -19.19 7.21
CA PHE A 192 -5.80 -18.36 6.59
C PHE A 192 -4.47 -19.12 6.60
N LYS A 193 -3.99 -19.50 5.40
CA LYS A 193 -2.85 -20.38 5.22
C LYS A 193 -2.54 -20.43 3.74
N LEU A 194 -1.27 -20.25 3.38
CA LEU A 194 -0.82 -20.50 1.98
C LEU A 194 -0.96 -22.00 1.73
N ASP A 195 -1.92 -22.40 0.91
CA ASP A 195 -2.09 -23.81 0.64
C ASP A 195 -1.87 -24.12 -0.83
N GLY A 196 -1.02 -25.10 -1.10
CA GLY A 196 -0.71 -25.47 -2.46
C GLY A 196 0.32 -24.57 -3.15
N CYS A 197 1.04 -23.75 -2.40
CA CYS A 197 2.03 -22.87 -2.98
C CYS A 197 3.37 -23.63 -3.06
N ARG A 198 3.91 -23.77 -4.28
CA ARG A 198 5.14 -24.55 -4.50
C ARG A 198 6.40 -23.80 -4.21
N ASP A 199 6.30 -22.52 -3.94
CA ASP A 199 7.48 -21.71 -3.68
C ASP A 199 7.69 -21.55 -2.15
N PRO A 200 8.73 -22.19 -1.61
CA PRO A 200 8.91 -22.11 -0.18
C PRO A 200 9.12 -20.70 0.38
N ARG A 201 9.53 -19.75 -0.46
CA ARG A 201 9.91 -18.45 0.03
C ARG A 201 8.71 -17.51 0.04
N ARG A 202 7.55 -17.94 -0.44
CA ARG A 202 6.40 -17.02 -0.59
C ARG A 202 5.85 -16.64 0.76
N TYR A 203 5.37 -15.41 0.84
CA TYR A 203 4.60 -14.94 1.95
C TYR A 203 3.60 -13.85 1.47
N ILE A 204 2.69 -13.48 2.37
CA ILE A 204 1.79 -12.32 2.20
C ILE A 204 1.73 -11.60 3.50
N MET A 205 1.33 -10.34 3.42
CA MET A 205 0.86 -9.63 4.61
C MET A 205 -0.64 -9.30 4.45
N ILE A 206 -1.41 -9.39 5.53
CA ILE A 206 -2.82 -9.13 5.50
C ILE A 206 -3.21 -8.28 6.72
N LYS A 207 -4.25 -7.46 6.57
CA LYS A 207 -4.71 -6.57 7.64
C LYS A 207 -6.21 -6.42 7.56
N TYR A 208 -6.82 -6.30 8.74
CA TYR A 208 -8.22 -5.97 8.86
C TYR A 208 -9.19 -6.85 8.09
N PHE A 209 -9.12 -8.15 8.30
CA PHE A 209 -10.10 -9.02 7.66
C PHE A 209 -11.49 -8.80 8.25
N ASN A 210 -12.49 -8.57 7.38
CA ASN A 210 -13.89 -8.40 7.78
C ASN A 210 -14.80 -9.29 6.94
N LEU A 211 -15.91 -9.70 7.54
CA LEU A 211 -17.04 -10.25 6.79
C LEU A 211 -18.25 -9.45 7.15
N PHE A 212 -19.10 -9.23 6.14
CA PHE A 212 -20.34 -8.48 6.26
C PHE A 212 -21.50 -9.30 5.76
N ASP A 213 -22.65 -9.16 6.45
CA ASP A 213 -23.82 -9.91 6.03
C ASP A 213 -24.75 -9.17 5.04
N LYS A 214 -24.18 -8.40 4.14
CA LYS A 214 -24.93 -7.83 3.03
C LYS A 214 -23.99 -7.60 1.86
N GLU A 215 -24.53 -7.19 0.73
CA GLU A 215 -23.73 -6.73 -0.43
C GLU A 215 -23.39 -5.25 -0.16
N LEU A 216 -22.13 -4.93 0.08
CA LEU A 216 -21.79 -3.50 0.24
C LEU A 216 -21.88 -2.77 -1.06
N ASN A 217 -22.33 -1.52 -1.02
CA ASN A 217 -22.40 -0.72 -2.22
C ASN A 217 -21.12 0.14 -2.38
N GLU A 218 -20.98 0.78 -3.54
CA GLU A 218 -19.76 1.50 -3.89
C GLU A 218 -19.41 2.56 -2.83
N LYS A 219 -20.40 3.28 -2.32
CA LYS A 219 -20.16 4.30 -1.29
C LYS A 219 -19.66 3.71 0.00
N GLU A 220 -20.25 2.60 0.44
CA GLU A 220 -19.85 1.97 1.64
C GLU A 220 -18.42 1.48 1.49
N ILE A 221 -18.08 1.03 0.29
CA ILE A 221 -16.75 0.49 0.02
C ILE A 221 -15.75 1.63 0.03
N LYS A 222 -16.08 2.74 -0.62
CA LYS A 222 -15.17 3.90 -0.53
C LYS A 222 -15.01 4.40 0.89
N ASP A 223 -16.09 4.45 1.66
CA ASP A 223 -15.98 4.87 3.08
C ASP A 223 -15.11 3.95 4.00
N LEU A 224 -15.19 2.66 3.75
CA LEU A 224 -14.40 1.68 4.46
C LEU A 224 -12.91 1.78 4.07
N TYR A 225 -12.66 1.95 2.77
CA TYR A 225 -11.32 2.20 2.21
C TYR A 225 -10.71 3.43 2.85
N ASP A 226 -11.47 4.52 2.88
CA ASP A 226 -10.97 5.77 3.53
C ASP A 226 -10.75 5.59 5.04
N SER A 227 -11.66 4.96 5.74
CA SER A 227 -11.56 4.87 7.23
C SER A 227 -10.65 3.79 7.80
N GLN A 228 -10.23 2.82 6.98
CA GLN A 228 -9.23 1.84 7.42
C GLN A 228 -7.83 2.22 6.93
N SER A 229 -7.74 3.23 6.08
CA SER A 229 -6.47 3.68 5.51
C SER A 229 -5.66 4.64 6.39
N ASN A 230 -6.13 5.01 7.58
CA ASN A 230 -5.43 6.01 8.40
C ASN A 230 -5.22 7.33 7.59
N PRO A 231 -6.30 8.04 7.30
CA PRO A 231 -6.20 9.18 6.39
C PRO A 231 -5.32 10.38 6.90
N GLY A 232 -5.11 10.46 8.19
CA GLY A 232 -4.27 11.50 8.78
C GLY A 232 -2.79 11.12 8.88
N ILE A 233 -2.45 9.91 8.39
CA ILE A 233 -1.04 9.46 8.44
C ILE A 233 -0.51 9.37 7.02
N LEU A 234 0.63 9.98 6.74
CA LEU A 234 1.18 9.86 5.39
C LEU A 234 1.69 8.41 5.18
N LYS A 235 1.67 7.94 3.91
CA LYS A 235 2.13 6.62 3.60
C LYS A 235 3.33 6.66 2.69
N ASP A 236 4.18 5.65 2.84
CA ASP A 236 5.27 5.45 1.86
C ASP A 236 4.74 4.72 0.64
N PHE A 237 5.62 4.49 -0.34
CA PHE A 237 5.27 3.88 -1.62
C PHE A 237 4.54 2.56 -1.45
N TRP A 238 5.03 1.76 -0.51
CA TRP A 238 4.46 0.40 -0.27
C TRP A 238 3.14 0.45 0.46
N GLY A 239 2.74 1.63 0.97
CA GLY A 239 1.54 1.77 1.77
C GLY A 239 1.71 1.69 3.25
N ASN A 240 2.94 1.53 3.76
CA ASN A 240 3.26 1.54 5.16
C ASN A 240 3.30 2.99 5.65
N TYR A 241 3.32 3.16 6.97
CA TYR A 241 3.33 4.51 7.48
C TYR A 241 4.65 5.16 7.08
N LEU A 242 4.54 6.41 6.64
CA LEU A 242 5.71 7.25 6.44
C LEU A 242 6.33 7.53 7.80
N GLN A 243 7.66 7.48 7.86
CA GLN A 243 8.38 7.60 9.10
C GLN A 243 9.49 8.61 9.02
N TYR A 244 9.76 9.21 10.16
CA TYR A 244 10.93 10.03 10.33
C TYR A 244 12.20 9.19 10.36
N ASP A 245 13.31 9.85 9.99
CA ASP A 245 14.66 9.31 10.11
C ASP A 245 14.94 8.07 9.25
N LYS A 246 14.12 7.83 8.24
CA LYS A 246 14.19 6.68 7.40
C LYS A 246 14.54 7.16 5.95
N PRO A 247 15.59 6.59 5.34
CA PRO A 247 15.92 7.05 4.00
C PRO A 247 14.99 6.55 2.93
N TYR A 248 14.52 7.47 2.09
CA TYR A 248 13.60 7.17 0.98
C TYR A 248 14.11 7.60 -0.39
N TYR A 249 14.03 6.71 -1.38
CA TYR A 249 14.25 7.08 -2.77
C TYR A 249 12.99 7.78 -3.25
N MET A 250 13.10 8.76 -4.14
CA MET A 250 11.98 9.66 -4.47
C MET A 250 11.44 9.40 -5.85
N LEU A 251 10.12 9.44 -5.98
CA LEU A 251 9.42 9.29 -7.27
C LEU A 251 8.40 10.43 -7.41
N ASN A 252 8.52 11.19 -8.49
CA ASN A 252 7.54 12.23 -8.82
C ASN A 252 6.51 11.59 -9.71
N LEU A 253 5.26 11.61 -9.27
CA LEU A 253 4.24 10.83 -10.00
C LEU A 253 3.88 11.45 -11.35
N PHE A 254 4.13 12.73 -11.52
CA PHE A 254 3.81 13.35 -12.79
C PHE A 254 4.81 12.93 -13.87
N ASP A 255 6.08 12.80 -13.51
CA ASP A 255 7.12 12.32 -14.39
C ASP A 255 7.88 11.13 -13.74
N PRO A 256 7.27 9.96 -13.81
CA PRO A 256 7.75 8.83 -13.01
C PRO A 256 9.03 8.14 -13.51
N ASN A 257 9.40 8.30 -14.77
CA ASN A 257 10.60 7.70 -15.31
C ASN A 257 11.87 8.46 -15.02
N LYS A 258 11.84 9.42 -14.10
CA LYS A 258 13.04 10.11 -13.71
C LYS A 258 13.28 9.88 -12.23
N TYR A 259 14.46 10.28 -11.74
CA TYR A 259 14.81 10.21 -10.36
C TYR A 259 15.52 11.46 -10.00
N VAL A 260 15.63 11.68 -8.70
CA VAL A 260 16.22 12.92 -8.18
C VAL A 260 17.75 12.80 -8.15
N ASP A 261 18.47 13.85 -8.55
CA ASP A 261 19.92 13.90 -8.40
C ASP A 261 20.28 15.32 -8.03
N VAL A 262 21.54 15.49 -7.63
CA VAL A 262 22.03 16.80 -7.16
C VAL A 262 23.12 17.26 -8.11
N ASN A 263 23.03 18.51 -8.53
CA ASN A 263 24.03 19.14 -9.29
C ASN A 263 24.72 20.17 -8.35
N ASN A 264 25.73 19.68 -7.63
CA ASN A 264 26.59 20.42 -6.70
C ASN A 264 25.87 20.61 -5.39
N ILE A 265 26.62 20.48 -4.31
CA ILE A 265 26.16 20.87 -2.97
C ILE A 265 26.27 22.36 -2.80
N GLY A 266 25.32 22.93 -2.08
CA GLY A 266 25.32 24.32 -1.68
C GLY A 266 24.22 25.11 -2.35
N ILE A 267 24.08 26.36 -1.93
CA ILE A 267 23.07 27.26 -2.45
C ILE A 267 23.24 27.50 -3.97
N ARG A 268 24.46 27.30 -4.50
CA ARG A 268 24.70 27.57 -5.89
C ARG A 268 24.44 26.39 -6.75
N GLY A 269 24.09 25.26 -6.11
CA GLY A 269 23.74 24.01 -6.80
C GLY A 269 22.22 23.85 -6.80
N TYR A 270 21.76 22.74 -7.36
CA TYR A 270 20.31 22.47 -7.35
C TYR A 270 20.07 20.96 -7.42
N MET A 271 18.88 20.56 -6.92
CA MET A 271 18.38 19.25 -7.16
C MET A 271 17.55 19.23 -8.46
N TYR A 272 17.56 18.12 -9.17
CA TYR A 272 16.86 18.01 -10.46
C TYR A 272 16.39 16.58 -10.66
N LEU A 273 15.49 16.42 -11.64
CA LEU A 273 15.02 15.11 -12.09
C LEU A 273 15.79 14.70 -13.33
N LYS A 274 16.35 13.51 -13.28
CA LYS A 274 17.23 12.97 -14.32
C LYS A 274 16.61 11.64 -14.75
N GLY A 275 16.76 11.24 -16.00
CA GLY A 275 16.30 9.92 -16.40
C GLY A 275 17.01 9.41 -17.63
N PRO A 276 16.58 8.25 -18.14
CA PRO A 276 15.53 7.41 -17.60
C PRO A 276 16.01 6.58 -16.39
N ARG A 277 15.03 6.00 -15.70
CA ARG A 277 15.34 4.98 -14.75
C ARG A 277 15.87 3.77 -15.50
N GLY A 278 16.66 2.97 -14.79
CA GLY A 278 17.05 1.64 -15.19
C GLY A 278 15.88 0.67 -15.21
N SER A 279 16.22 -0.58 -15.50
CA SER A 279 15.27 -1.72 -15.52
C SER A 279 15.78 -2.90 -14.73
N VAL A 280 14.86 -3.61 -14.10
CA VAL A 280 15.16 -4.92 -13.44
C VAL A 280 14.29 -5.93 -14.21
N MET A 281 14.85 -7.10 -14.55
CA MET A 281 14.12 -8.05 -15.43
C MET A 281 14.47 -9.50 -15.08
N THR A 282 13.46 -10.34 -15.10
CA THR A 282 13.67 -11.78 -15.20
C THR A 282 12.68 -12.23 -16.24
N THR A 283 13.17 -12.81 -17.36
CA THR A 283 12.31 -13.15 -18.45
C THR A 283 11.09 -13.96 -18.14
N ASN A 284 9.95 -13.53 -18.70
CA ASN A 284 8.64 -14.18 -18.56
C ASN A 284 8.14 -13.93 -17.11
N ILE A 285 8.84 -13.14 -16.24
CA ILE A 285 8.43 -13.06 -14.79
C ILE A 285 8.19 -11.62 -14.37
N TYR A 286 9.16 -10.76 -14.61
CA TYR A 286 8.99 -9.32 -14.35
C TYR A 286 9.90 -8.45 -15.21
N LEU A 287 9.44 -7.22 -15.41
CA LEU A 287 10.20 -6.23 -16.11
C LEU A 287 9.70 -4.89 -15.60
N ASN A 288 10.49 -4.27 -14.73
CA ASN A 288 10.08 -3.06 -14.03
C ASN A 288 11.19 -2.01 -14.04
N SER A 289 10.79 -0.78 -13.81
CA SER A 289 11.81 0.25 -13.58
C SER A 289 12.49 0.10 -12.25
N THR A 290 13.76 0.51 -12.20
CA THR A 290 14.53 0.48 -10.98
C THR A 290 14.04 1.59 -10.07
N LEU A 291 13.75 1.22 -8.83
CA LEU A 291 13.25 2.13 -7.80
C LEU A 291 14.27 2.68 -6.92
N TYR A 292 15.37 1.97 -6.73
CA TYR A 292 16.37 2.39 -5.78
C TYR A 292 17.42 3.23 -6.52
N MET A 293 17.02 4.41 -6.94
CA MET A 293 17.91 5.32 -7.68
C MET A 293 17.88 6.67 -7.12
N GLY A 294 19.01 7.34 -7.20
CA GLY A 294 19.05 8.76 -6.91
C GLY A 294 19.19 9.11 -5.47
N THR A 295 19.12 10.42 -5.23
CA THR A 295 19.23 11.07 -3.99
C THR A 295 18.09 10.62 -3.09
N LYS A 296 18.44 10.11 -1.93
CA LYS A 296 17.41 9.77 -0.93
C LYS A 296 17.04 10.97 -0.10
N PHE A 297 15.80 10.99 0.35
CA PHE A 297 15.30 12.03 1.27
C PHE A 297 15.03 11.39 2.62
N ILE A 298 15.28 12.17 3.66
CA ILE A 298 14.97 11.79 5.02
C ILE A 298 14.15 12.87 5.69
N ILE A 299 13.03 12.51 6.29
CA ILE A 299 12.15 13.45 6.94
C ILE A 299 12.59 13.59 8.41
N LYS A 300 12.86 14.81 8.85
CA LYS A 300 13.35 15.08 10.21
C LYS A 300 12.33 15.85 11.00
N LYS A 301 12.20 15.55 12.29
CA LYS A 301 11.29 16.31 13.12
C LYS A 301 11.69 17.75 13.34
N TYR A 302 10.72 18.64 13.24
CA TYR A 302 10.95 20.07 13.56
C TYR A 302 10.18 20.47 14.81
N ALA A 303 8.92 20.11 14.86
CA ALA A 303 8.04 20.47 15.99
C ALA A 303 8.29 19.75 17.35
N SER A 304 7.68 20.33 18.37
CA SER A 304 7.68 19.81 19.72
C SER A 304 6.65 18.68 19.81
N GLY A 305 6.67 17.99 20.94
CA GLY A 305 5.82 16.81 21.13
C GLY A 305 6.18 15.85 20.03
N ASN A 306 5.21 15.43 19.26
CA ASN A 306 5.43 14.54 18.10
C ASN A 306 6.45 13.45 18.47
N GLU A 307 6.11 12.67 19.50
CA GLU A 307 7.05 11.73 20.10
C GLU A 307 7.28 10.46 19.29
N ASP A 308 6.24 9.88 18.67
CA ASP A 308 6.46 8.65 17.88
C ASP A 308 7.10 9.10 16.53
N ASN A 309 7.50 8.09 15.75
CA ASN A 309 8.23 8.30 14.50
C ASN A 309 7.39 8.28 13.23
N ILE A 310 6.08 8.42 13.35
CA ILE A 310 5.15 8.42 12.24
C ILE A 310 4.83 9.84 11.76
N VAL A 311 4.92 10.04 10.45
CA VAL A 311 4.70 11.33 9.85
C VAL A 311 3.20 11.50 9.60
N ARG A 312 2.63 12.53 10.22
CA ARG A 312 1.22 12.83 10.06
C ARG A 312 0.94 14.04 9.22
N ASN A 313 -0.28 14.09 8.71
CA ASN A 313 -0.77 15.25 7.99
C ASN A 313 -0.62 16.50 8.78
N ASN A 314 -0.03 17.50 8.16
CA ASN A 314 0.24 18.79 8.76
C ASN A 314 1.45 18.87 9.66
N ASP A 315 2.23 17.80 9.78
CA ASP A 315 3.48 17.86 10.55
C ASP A 315 4.44 18.84 9.88
N ARG A 316 5.13 19.57 10.75
CA ARG A 316 6.16 20.50 10.36
C ARG A 316 7.48 19.79 10.51
N VAL A 317 8.25 19.78 9.41
CA VAL A 317 9.44 18.93 9.31
C VAL A 317 10.56 19.70 8.58
N TYR A 318 11.76 19.13 8.64
CA TYR A 318 12.82 19.46 7.68
C TYR A 318 12.98 18.27 6.81
N ILE A 319 13.51 18.47 5.62
CA ILE A 319 13.83 17.36 4.70
C ILE A 319 15.36 17.42 4.49
N ASN A 320 15.98 16.29 4.78
CA ASN A 320 17.41 16.10 4.54
C ASN A 320 17.54 15.30 3.24
N VAL A 321 18.63 15.55 2.55
CA VAL A 321 18.91 14.97 1.27
C VAL A 321 20.21 14.25 1.42
N VAL A 322 20.30 13.03 0.90
CA VAL A 322 21.51 12.23 1.03
C VAL A 322 22.30 12.25 -0.26
N VAL A 323 23.53 12.68 -0.18
CA VAL A 323 24.45 12.72 -1.35
C VAL A 323 25.78 12.04 -0.91
N LYS A 324 26.16 10.97 -1.60
CA LYS A 324 27.36 10.19 -1.25
C LYS A 324 27.43 9.84 0.22
N ASN A 325 26.28 9.37 0.70
CA ASN A 325 26.10 8.90 2.07
C ASN A 325 26.36 9.94 3.17
N LYS A 326 26.06 11.19 2.88
CA LYS A 326 26.03 12.27 3.79
C LYS A 326 24.75 13.10 3.62
N GLU A 327 24.23 13.56 4.77
CA GLU A 327 23.01 14.37 4.80
C GLU A 327 23.27 15.87 4.64
N TYR A 328 22.40 16.49 3.85
CA TYR A 328 22.32 17.89 3.58
C TYR A 328 20.87 18.31 3.78
N ARG A 329 20.63 19.62 3.80
CA ARG A 329 19.31 20.17 4.05
C ARG A 329 18.70 20.67 2.73
N LEU A 330 17.50 20.20 2.42
CA LEU A 330 16.69 20.80 1.37
C LEU A 330 16.31 22.21 1.76
N ALA A 331 16.73 23.15 0.95
CA ALA A 331 16.47 24.55 1.23
C ALA A 331 16.51 25.43 -0.03
N THR A 332 15.95 26.64 0.07
CA THR A 332 16.04 27.62 -1.00
C THR A 332 16.17 29.03 -0.39
N ASN A 333 16.46 30.00 -1.22
CA ASN A 333 16.61 31.37 -0.82
C ASN A 333 15.38 31.91 -0.10
N ALA A 334 15.63 33.01 0.60
CA ALA A 334 14.66 33.64 1.49
C ALA A 334 13.98 34.87 0.85
N SER A 335 14.24 35.15 -0.45
CA SER A 335 13.80 36.45 -1.03
C SER A 335 12.27 36.52 -1.06
N GLY A 338 8.86 36.55 -5.49
CA GLY A 338 7.57 35.89 -5.67
C GLY A 338 7.46 34.95 -6.86
N VAL A 339 8.57 34.28 -7.21
CA VAL A 339 8.62 33.34 -8.34
C VAL A 339 8.92 31.92 -7.81
N GLU A 340 8.89 30.92 -8.71
CA GLU A 340 9.38 29.59 -8.30
C GLU A 340 10.87 29.67 -7.86
N LYS A 341 11.16 28.88 -6.83
CA LYS A 341 12.42 28.98 -6.07
C LYS A 341 13.07 27.63 -6.23
N ILE A 342 14.25 27.62 -6.84
CA ILE A 342 14.98 26.38 -7.11
C ILE A 342 15.51 25.82 -5.80
N LEU A 343 15.33 24.51 -5.61
CA LEU A 343 15.72 23.85 -4.38
C LEU A 343 17.16 23.35 -4.48
N SER A 344 17.88 23.57 -3.37
CA SER A 344 19.28 23.17 -3.25
C SER A 344 19.50 22.21 -2.07
N ALA A 345 20.63 21.53 -2.08
CA ALA A 345 21.11 20.72 -0.94
C ALA A 345 22.17 21.48 -0.16
N LEU A 346 21.84 21.94 1.05
CA LEU A 346 22.74 22.84 1.84
C LEU A 346 23.50 22.06 2.86
N GLU A 347 24.69 22.51 3.17
CA GLU A 347 25.32 22.04 4.39
C GLU A 347 24.44 22.48 5.59
N ILE A 348 24.14 21.54 6.48
CA ILE A 348 23.23 21.80 7.58
C ILE A 348 23.74 22.95 8.46
N PRO A 349 25.04 22.99 8.73
CA PRO A 349 25.50 24.19 9.50
C PRO A 349 25.44 25.53 8.74
N ASP A 350 25.39 25.52 7.41
CA ASP A 350 25.27 26.72 6.54
C ASP A 350 23.82 27.20 6.34
N VAL A 351 22.78 26.51 6.84
CA VAL A 351 21.46 26.83 6.35
C VAL A 351 20.95 28.21 6.75
N GLY A 352 21.40 28.73 7.91
CA GLY A 352 21.05 30.09 8.30
C GLY A 352 19.55 30.40 8.27
N ASN A 353 19.15 31.52 7.64
CA ASN A 353 17.72 31.87 7.54
C ASN A 353 17.08 31.47 6.24
N LEU A 354 17.69 30.49 5.56
CA LEU A 354 17.14 30.00 4.29
C LEU A 354 15.83 29.27 4.53
N SER A 355 15.03 29.22 3.47
CA SER A 355 13.74 28.62 3.54
C SER A 355 13.89 27.12 3.54
N GLN A 356 13.32 26.48 4.54
CA GLN A 356 13.55 25.05 4.80
C GLN A 356 12.42 24.28 5.53
N VAL A 357 11.52 24.99 6.21
CA VAL A 357 10.47 24.33 6.94
C VAL A 357 9.42 23.83 5.96
N VAL A 358 9.09 22.54 6.06
CA VAL A 358 8.14 21.88 5.18
C VAL A 358 6.95 21.42 6.00
N VAL A 359 5.73 21.65 5.52
CA VAL A 359 4.53 21.07 6.08
C VAL A 359 4.17 19.90 5.16
N MET A 360 4.05 18.71 5.78
CA MET A 360 3.74 17.51 5.04
C MET A 360 2.25 17.37 4.97
N LYS A 361 1.73 16.98 3.82
CA LYS A 361 0.30 16.86 3.60
C LYS A 361 -0.07 15.51 2.98
N SER A 362 -1.09 14.88 3.54
CA SER A 362 -1.71 13.65 2.98
C SER A 362 -3.08 13.90 2.43
N LYS A 363 -3.62 15.10 2.66
CA LYS A 363 -4.98 15.48 2.27
C LYS A 363 -5.11 17.01 2.20
N ASP A 364 -5.98 17.47 1.29
CA ASP A 364 -6.20 18.90 1.00
C ASP A 364 -7.39 19.41 1.77
N ILE A 368 -9.94 15.77 1.62
CA ILE A 368 -9.83 15.01 0.37
C ILE A 368 -8.39 14.49 0.27
N ARG A 369 -8.19 13.17 0.41
CA ARG A 369 -6.84 12.59 0.37
C ARG A 369 -6.13 12.93 -0.95
N ASN A 370 -4.82 13.11 -0.83
CA ASN A 370 -3.92 13.17 -1.97
C ASN A 370 -2.68 12.32 -1.60
N LYS A 371 -1.83 12.10 -2.59
CA LYS A 371 -0.52 11.47 -2.38
C LYS A 371 0.34 12.48 -1.61
N CYS A 372 1.56 12.13 -1.20
CA CYS A 372 2.36 13.06 -0.36
C CYS A 372 2.72 14.36 -1.08
N LYS A 373 2.56 15.48 -0.37
CA LYS A 373 2.94 16.75 -0.84
C LYS A 373 3.78 17.39 0.26
N MET A 374 4.62 18.32 -0.14
CA MET A 374 5.53 19.02 0.73
C MET A 374 5.35 20.51 0.47
N ASN A 375 4.82 21.26 1.43
CA ASN A 375 4.53 22.70 1.29
C ASN A 375 5.62 23.46 2.02
N LEU A 376 6.48 24.15 1.30
CA LEU A 376 7.56 24.89 1.94
C LEU A 376 7.16 26.26 2.42
N GLN A 377 7.72 26.71 3.54
CA GLN A 377 7.54 28.05 4.02
C GLN A 377 8.83 28.73 4.23
N ASP A 378 8.83 30.05 4.12
CA ASP A 378 10.02 30.78 4.46
C ASP A 378 10.15 30.93 5.96
N ASN A 379 11.26 31.53 6.37
CA ASN A 379 11.59 31.72 7.75
C ASN A 379 10.64 32.70 8.44
N ASN A 380 9.95 33.54 7.69
CA ASN A 380 8.93 34.45 8.24
C ASN A 380 7.51 33.88 8.16
N GLY A 381 7.41 32.57 7.88
CA GLY A 381 6.13 31.83 7.83
C GLY A 381 5.27 32.06 6.58
N ASN A 382 5.85 32.64 5.54
CA ASN A 382 5.14 32.91 4.26
C ASN A 382 5.15 31.59 3.48
N ASP A 383 4.01 31.24 2.90
CA ASP A 383 3.85 30.09 2.03
C ASP A 383 4.60 30.35 0.75
N ILE A 384 5.57 29.50 0.44
CA ILE A 384 6.28 29.62 -0.82
C ILE A 384 5.96 28.48 -1.81
N GLY A 385 4.96 27.69 -1.51
CA GLY A 385 4.40 26.70 -2.44
C GLY A 385 4.88 25.30 -2.20
N PHE A 386 4.48 24.43 -3.07
CA PHE A 386 4.75 23.03 -3.01
C PHE A 386 5.98 22.61 -3.78
N VAL A 387 6.65 21.57 -3.26
CA VAL A 387 7.82 20.99 -3.94
C VAL A 387 7.40 20.26 -5.18
N GLY A 388 7.91 20.71 -6.33
CA GLY A 388 7.66 20.11 -7.60
C GLY A 388 8.87 20.32 -8.49
N PHE A 389 8.64 20.50 -9.77
CA PHE A 389 9.75 20.75 -10.73
C PHE A 389 9.36 21.75 -11.81
N HIS A 390 10.38 22.32 -12.45
CA HIS A 390 10.18 23.28 -13.48
C HIS A 390 11.27 23.01 -14.52
N LEU A 391 10.86 22.96 -15.78
CA LEU A 391 11.78 22.72 -16.88
C LEU A 391 12.41 23.99 -17.32
N TYR A 392 13.72 24.10 -17.09
CA TYR A 392 14.54 25.21 -17.60
C TYR A 392 15.39 24.74 -18.80
N ASP A 393 14.87 24.97 -20.01
CA ASP A 393 15.46 24.47 -21.27
C ASP A 393 15.51 22.95 -21.25
N ASN A 394 16.65 22.34 -20.93
CA ASN A 394 16.71 20.85 -20.91
C ASN A 394 16.64 20.23 -19.49
N ILE A 395 16.72 21.05 -18.45
CA ILE A 395 16.87 20.57 -17.07
C ILE A 395 15.61 20.81 -16.24
N ALA A 396 15.04 19.72 -15.74
CA ALA A 396 13.88 19.75 -14.82
C ALA A 396 14.35 19.93 -13.40
N LYS A 397 14.46 21.16 -12.95
CA LYS A 397 14.97 21.46 -11.63
C LYS A 397 13.84 21.36 -10.56
N LEU A 398 14.18 20.85 -9.39
CA LEU A 398 13.19 20.89 -8.25
C LEU A 398 12.98 22.30 -7.81
N VAL A 399 11.74 22.66 -7.61
CA VAL A 399 11.37 24.01 -7.18
C VAL A 399 10.30 24.00 -6.12
N ALA A 400 10.17 25.11 -5.42
CA ALA A 400 8.94 25.36 -4.66
C ALA A 400 8.14 26.35 -5.47
N SER A 401 6.89 25.99 -5.69
CA SER A 401 6.02 26.84 -6.53
C SER A 401 4.58 26.87 -6.08
N ASN A 402 4.06 28.09 -6.12
CA ASN A 402 2.64 28.36 -5.88
C ASN A 402 1.82 28.07 -7.11
N TRP A 403 2.45 27.71 -8.21
CA TRP A 403 1.76 27.28 -9.35
C TRP A 403 0.88 26.10 -9.00
N TYR A 404 1.41 25.21 -8.18
CA TYR A 404 0.66 24.06 -7.73
C TYR A 404 -0.57 24.49 -6.89
N ASN A 405 -1.74 23.98 -7.30
CA ASN A 405 -3.09 24.61 -7.06
C ASN A 405 -3.13 26.14 -6.90
N THR A 414 -2.39 20.70 -10.62
CA THR A 414 -2.96 19.61 -9.86
C THR A 414 -1.88 18.65 -9.30
N PHE A 415 -1.18 17.94 -10.18
CA PHE A 415 -0.53 16.64 -9.88
C PHE A 415 1.01 16.58 -9.89
N GLY A 416 1.70 17.63 -10.37
CA GLY A 416 3.18 17.67 -10.50
C GLY A 416 4.02 17.82 -9.23
N CYS A 417 3.31 18.06 -8.14
CA CYS A 417 3.90 18.15 -6.84
C CYS A 417 3.54 16.92 -5.94
N SER A 418 3.06 15.82 -6.56
CA SER A 418 2.78 14.58 -5.83
C SER A 418 4.00 13.68 -5.93
N TRP A 419 4.41 13.21 -4.77
CA TRP A 419 5.64 12.39 -4.59
C TRP A 419 5.32 11.10 -3.89
N GLU A 420 6.10 10.07 -4.23
CA GLU A 420 6.19 8.86 -3.44
C GLU A 420 7.56 8.77 -2.81
N PHE A 421 7.57 8.26 -1.60
CA PHE A 421 8.77 8.01 -0.81
C PHE A 421 8.96 6.50 -0.78
N ILE A 422 10.08 6.00 -1.32
CA ILE A 422 10.33 4.55 -1.47
C ILE A 422 11.48 4.04 -0.61
N PRO A 423 11.21 3.34 0.48
CA PRO A 423 12.30 2.71 1.21
C PRO A 423 12.62 1.34 0.59
N VAL A 424 13.80 0.85 0.91
CA VAL A 424 14.14 -0.54 0.55
C VAL A 424 13.17 -1.49 1.21
N ASP A 425 12.70 -2.50 0.48
CA ASP A 425 11.70 -3.46 1.04
C ASP A 425 12.01 -4.83 0.47
N ASP A 426 12.02 -5.80 1.39
CA ASP A 426 12.34 -7.21 1.11
C ASP A 426 11.42 -7.76 0.02
N GLY A 427 10.19 -7.27 -0.04
CA GLY A 427 9.20 -7.75 -1.03
C GLY A 427 9.45 -7.24 -2.45
N TRP A 428 10.43 -6.36 -2.64
CA TRP A 428 10.70 -5.81 -3.99
C TRP A 428 11.90 -6.45 -4.67
N GLY A 429 12.98 -6.58 -3.94
CA GLY A 429 14.07 -7.47 -4.34
C GLY A 429 15.21 -6.90 -5.14
N GLU A 430 15.08 -5.70 -5.64
CA GLU A 430 16.14 -5.02 -6.34
C GLU A 430 17.37 -4.81 -5.40
N SER A 431 18.55 -4.91 -5.99
CA SER A 431 19.79 -4.56 -5.31
C SER A 431 19.84 -3.11 -4.74
N SER A 432 20.31 -2.93 -3.49
CA SER A 432 20.39 -1.59 -2.85
C SER A 432 21.76 -1.24 -2.25
#